data_3LON
#
_entry.id   3LON
#
_cell.length_a   224.392
_cell.length_b   224.392
_cell.length_c   75.331
_cell.angle_alpha   90.00
_cell.angle_beta   90.00
_cell.angle_gamma   120.00
#
_symmetry.space_group_name_H-M   'H 3 2'
#
loop_
_entity.id
_entity.type
_entity.pdbx_description
1 polymer 'Genome polyprotein'
2 polymer KK-NS4a(21-39)-KK
3 non-polymer 'ZINC ION'
4 non-polymer (1R,2S,5S)-3-[N-({1-[(tert-butylsulfonyl)methyl]cyclohexyl}carbamoyl)-3-methyl-L-valyl]-N-{(1S)-1-[(1R)-2-(cyclopropylamino)-1-hydroxy-2-oxoethyl]pentyl}-6,6-dimethyl-3-azabicyclo[3.1.0]hexane-2-carboxamide
5 non-polymer BETA-MERCAPTOETHANOL
6 water water
#
loop_
_entity_poly.entity_id
_entity_poly.type
_entity_poly.pdbx_seq_one_letter_code
_entity_poly.pdbx_strand_id
1 'polypeptide(L)'
;MASMTGGQQMGAPITAYAQQTRGLLGCIITSLTGRDKNQVEGEVQIVSTATQTFLATCINGVCWTVYHGAGTRTIASPKG
PVIQMYTNVDQDLVGWPAPQGSRSLTPCTCGSSDLYLVTRHADVIPVRRRGDSRGSLLSPRPISYLKGSSGGPLLCPAGH
AVGLFRAAVCTRGVAKAVDFIPVENLETTMRSGSHHHHHH
;
A,C
2 'polypeptide(L)' KKGSVVIVGRIVLSGKPAIIPKK B,D
#
# COMPACT_ATOMS: atom_id res chain seq x y z
N ALA A 12 -9.49 7.23 3.92
CA ALA A 12 -8.66 6.72 2.80
C ALA A 12 -7.70 5.69 3.36
N PRO A 13 -7.56 4.55 2.67
CA PRO A 13 -6.65 3.48 3.09
C PRO A 13 -5.22 3.79 2.65
N ILE A 14 -4.24 3.26 3.39
CA ILE A 14 -2.84 3.45 3.10
C ILE A 14 -2.45 2.50 1.95
N THR A 15 -2.05 3.09 0.84
CA THR A 15 -1.61 2.34 -0.32
C THR A 15 -0.30 2.99 -0.73
N ALA A 16 0.57 2.23 -1.39
CA ALA A 16 1.87 2.75 -1.79
C ALA A 16 2.34 2.11 -3.08
N TYR A 17 3.21 2.79 -3.80
CA TYR A 17 3.78 2.20 -5.00
C TYR A 17 5.24 2.62 -5.08
N ALA A 18 6.05 1.75 -5.68
CA ALA A 18 7.47 1.97 -5.84
C ALA A 18 7.85 2.18 -7.33
N GLN A 19 8.92 2.93 -7.55
CA GLN A 19 9.44 3.19 -8.88
C GLN A 19 10.95 3.29 -8.74
N GLN A 20 11.68 2.52 -9.54
CA GLN A 20 13.12 2.57 -9.51
C GLN A 20 13.52 3.72 -10.42
N THR A 21 14.41 4.59 -9.96
CA THR A 21 14.81 5.73 -10.76
C THR A 21 16.17 5.59 -11.42
N ARG A 22 16.98 4.64 -10.95
CA ARG A 22 18.29 4.43 -11.56
C ARG A 22 18.88 3.08 -11.27
N GLY A 23 19.83 2.67 -12.11
CA GLY A 23 20.47 1.37 -11.98
C GLY A 23 21.81 1.35 -11.28
N LEU A 24 22.42 0.17 -11.22
CA LEU A 24 23.70 -0.04 -10.57
C LEU A 24 24.84 0.89 -10.98
N LEU A 25 25.08 0.97 -12.28
CA LEU A 25 26.16 1.81 -12.78
C LEU A 25 25.86 3.30 -12.61
N GLY A 26 24.62 3.71 -12.86
CA GLY A 26 24.27 5.09 -12.70
C GLY A 26 24.37 5.49 -11.24
N CYS A 27 24.07 4.53 -10.38
CA CYS A 27 24.12 4.74 -8.94
C CYS A 27 25.56 4.98 -8.52
N ILE A 28 26.46 4.09 -8.95
CA ILE A 28 27.87 4.21 -8.62
C ILE A 28 28.45 5.54 -9.11
N ILE A 29 28.16 5.92 -10.35
CA ILE A 29 28.69 7.17 -10.88
C ILE A 29 28.20 8.34 -10.02
N THR A 30 26.89 8.34 -9.74
CA THR A 30 26.28 9.39 -8.93
C THR A 30 26.82 9.42 -7.51
N SER A 31 27.22 8.26 -7.01
CA SER A 31 27.77 8.16 -5.67
C SER A 31 29.10 8.92 -5.59
N LEU A 32 29.97 8.69 -6.57
CA LEU A 32 31.28 9.34 -6.62
C LEU A 32 31.13 10.81 -6.95
N THR A 33 30.31 11.11 -7.94
CA THR A 33 30.10 12.47 -8.35
C THR A 33 29.40 13.29 -7.29
N GLY A 34 28.43 12.68 -6.63
CA GLY A 34 27.66 13.37 -5.62
C GLY A 34 26.67 14.33 -6.25
N ARG A 35 26.51 14.23 -7.57
CA ARG A 35 25.59 15.10 -8.28
C ARG A 35 24.49 14.27 -8.91
N ASP A 36 23.28 14.50 -8.44
CA ASP A 36 22.09 13.79 -8.92
C ASP A 36 21.15 14.80 -9.51
N LYS A 37 20.95 14.71 -10.82
CA LYS A 37 20.06 15.65 -11.51
C LYS A 37 18.66 15.05 -11.73
N ASN A 38 18.43 13.83 -11.23
CA ASN A 38 17.13 13.19 -11.36
C ASN A 38 16.06 13.93 -10.60
N GLN A 39 14.82 13.84 -11.09
CA GLN A 39 13.67 14.49 -10.46
C GLN A 39 13.20 13.62 -9.30
N VAL A 40 12.89 14.28 -8.20
CA VAL A 40 12.43 13.60 -6.99
C VAL A 40 10.91 13.75 -6.78
N GLU A 41 10.29 12.69 -6.28
CA GLU A 41 8.86 12.68 -6.00
C GLU A 41 8.67 11.69 -4.88
N GLY A 42 7.57 11.82 -4.14
CA GLY A 42 7.30 10.86 -3.07
C GLY A 42 7.71 11.27 -1.68
N GLU A 43 7.20 10.52 -0.72
CA GLU A 43 7.45 10.74 0.71
C GLU A 43 8.64 9.91 1.24
N VAL A 44 8.86 8.75 0.63
CA VAL A 44 9.92 7.82 1.01
C VAL A 44 10.86 7.60 -0.19
N GLN A 45 12.16 7.77 0.04
CA GLN A 45 13.14 7.57 -1.03
C GLN A 45 13.86 6.24 -0.81
N ILE A 46 14.09 5.50 -1.90
CA ILE A 46 14.83 4.23 -1.85
C ILE A 46 16.27 4.70 -2.02
N VAL A 47 17.05 4.46 -0.99
CA VAL A 47 18.42 4.94 -0.92
C VAL A 47 19.52 3.88 -0.98
N SER A 48 20.65 4.25 -1.59
CA SER A 48 21.77 3.32 -1.72
C SER A 48 23.17 3.88 -1.49
N THR A 49 23.95 3.13 -0.73
CA THR A 49 25.36 3.45 -0.49
C THR A 49 26.03 2.48 -1.46
N ALA A 50 27.34 2.26 -1.32
CA ALA A 50 28.00 1.30 -2.21
C ALA A 50 27.81 -0.13 -1.72
N THR A 51 27.41 -0.26 -0.44
CA THR A 51 27.21 -1.56 0.17
C THR A 51 25.76 -1.99 0.36
N GLN A 52 24.86 -1.06 0.62
CA GLN A 52 23.48 -1.44 0.83
C GLN A 52 22.44 -0.41 0.42
N THR A 53 21.22 -0.91 0.26
CA THR A 53 20.09 -0.07 -0.11
C THR A 53 19.06 -0.22 1.00
N PHE A 54 18.50 0.93 1.38
CA PHE A 54 17.51 0.99 2.44
C PHE A 54 16.59 2.16 2.13
N LEU A 55 15.84 2.62 3.13
CA LEU A 55 14.90 3.71 2.90
C LEU A 55 15.20 4.95 3.71
N ALA A 56 14.66 6.08 3.25
CA ALA A 56 14.82 7.38 3.90
C ALA A 56 13.46 8.03 3.78
N THR A 57 12.91 8.46 4.92
CA THR A 57 11.59 9.07 4.96
C THR A 57 11.62 10.57 5.17
N CYS A 58 10.89 11.30 4.37
CA CYS A 58 10.83 12.75 4.54
C CYS A 58 9.71 13.08 5.53
N ILE A 59 10.06 13.74 6.63
CA ILE A 59 9.10 14.14 7.65
C ILE A 59 9.40 15.59 7.97
N ASN A 60 8.37 16.43 7.91
CA ASN A 60 8.48 17.84 8.20
C ASN A 60 9.69 18.54 7.56
N GLY A 61 9.89 18.30 6.27
CA GLY A 61 10.98 18.93 5.54
C GLY A 61 12.38 18.35 5.64
N VAL A 62 12.53 17.31 6.45
CA VAL A 62 13.81 16.65 6.62
C VAL A 62 13.70 15.21 6.11
N CYS A 63 14.71 14.78 5.35
CA CYS A 63 14.78 13.42 4.83
C CYS A 63 15.60 12.66 5.86
N TRP A 64 14.93 11.76 6.59
CA TRP A 64 15.53 10.97 7.65
C TRP A 64 15.80 9.53 7.28
N THR A 65 16.85 8.99 7.86
CA THR A 65 17.17 7.60 7.64
C THR A 65 17.97 7.05 8.81
N VAL A 66 18.36 5.79 8.66
CA VAL A 66 19.08 5.05 9.68
C VAL A 66 20.61 5.29 9.59
N TYR A 67 21.22 5.60 10.73
CA TYR A 67 22.66 5.86 10.80
C TYR A 67 23.46 4.62 10.42
N HIS A 68 22.96 3.45 10.78
CA HIS A 68 23.66 2.22 10.45
C HIS A 68 23.65 1.94 8.95
N GLY A 69 22.94 2.75 8.20
CA GLY A 69 22.89 2.57 6.77
C GLY A 69 23.66 3.68 6.11
N ALA A 70 23.30 4.92 6.44
CA ALA A 70 23.93 6.09 5.84
C ALA A 70 25.27 6.45 6.47
N GLY A 71 25.43 6.09 7.73
CA GLY A 71 26.66 6.43 8.41
C GLY A 71 26.66 7.94 8.48
N THR A 72 27.77 8.55 8.11
CA THR A 72 27.84 10.00 8.17
C THR A 72 27.91 10.63 6.75
N ARG A 73 27.63 9.81 5.73
CA ARG A 73 27.67 10.24 4.33
C ARG A 73 26.79 11.40 3.97
N THR A 74 27.14 12.04 2.86
CA THR A 74 26.39 13.16 2.31
C THR A 74 25.35 12.54 1.36
N ILE A 75 24.39 13.33 0.90
CA ILE A 75 23.41 12.79 -0.04
C ILE A 75 23.60 13.49 -1.39
N ALA A 76 23.68 12.70 -2.45
CA ALA A 76 23.86 13.22 -3.79
C ALA A 76 22.65 14.07 -4.17
N SER A 77 22.88 15.29 -4.63
CA SER A 77 21.79 16.18 -5.03
C SER A 77 22.16 16.88 -6.34
N PRO A 78 21.22 17.62 -6.93
CA PRO A 78 21.55 18.31 -8.19
C PRO A 78 22.58 19.41 -8.04
N LYS A 79 22.86 19.79 -6.80
CA LYS A 79 23.84 20.84 -6.53
C LYS A 79 25.13 20.23 -5.93
N GLY A 80 25.30 18.92 -6.12
CA GLY A 80 26.44 18.23 -5.56
C GLY A 80 26.02 17.60 -4.23
N PRO A 81 26.95 17.05 -3.45
CA PRO A 81 26.60 16.43 -2.17
C PRO A 81 26.14 17.41 -1.10
N VAL A 82 25.19 16.97 -0.30
CA VAL A 82 24.62 17.77 0.76
C VAL A 82 24.99 17.12 2.08
N ILE A 83 25.55 17.93 2.99
CA ILE A 83 25.97 17.47 4.31
C ILE A 83 24.73 17.17 5.15
N GLN A 84 24.88 16.27 6.11
CA GLN A 84 23.76 15.92 6.97
C GLN A 84 23.38 17.09 7.85
N MET A 85 22.08 17.27 8.06
CA MET A 85 21.59 18.32 8.94
C MET A 85 21.70 17.82 10.37
N TYR A 86 21.36 16.54 10.56
CA TYR A 86 21.37 15.93 11.88
C TYR A 86 22.07 14.59 11.84
N THR A 87 22.72 14.25 12.93
CA THR A 87 23.43 12.98 13.08
C THR A 87 23.33 12.60 14.55
N ASN A 88 22.93 11.37 14.81
CA ASN A 88 22.82 10.94 16.18
C ASN A 88 23.07 9.45 16.21
N VAL A 89 24.33 9.10 16.45
CA VAL A 89 24.75 7.73 16.48
C VAL A 89 23.97 6.91 17.51
N ASP A 90 23.55 7.56 18.59
CA ASP A 90 22.80 6.88 19.64
C ASP A 90 21.36 6.58 19.25
N GLN A 91 20.65 7.57 18.70
CA GLN A 91 19.27 7.37 18.28
C GLN A 91 19.28 6.56 16.98
N ASP A 92 20.46 6.49 16.35
CA ASP A 92 20.66 5.77 15.10
C ASP A 92 19.94 6.51 13.97
N LEU A 93 20.07 7.83 13.99
CA LEU A 93 19.44 8.70 13.00
C LEU A 93 20.40 9.63 12.28
N VAL A 94 20.03 10.00 11.06
CA VAL A 94 20.77 10.98 10.26
C VAL A 94 19.67 11.67 9.46
N GLY A 95 19.85 12.94 9.13
CA GLY A 95 18.84 13.64 8.38
C GLY A 95 19.48 14.68 7.49
N TRP A 96 18.97 14.81 6.27
CA TRP A 96 19.49 15.79 5.30
C TRP A 96 18.26 16.62 4.96
N PRO A 97 18.44 17.79 4.34
CA PRO A 97 17.23 18.58 4.01
C PRO A 97 16.45 17.75 2.99
N ALA A 98 15.13 17.73 3.09
CA ALA A 98 14.33 16.96 2.15
C ALA A 98 14.63 17.44 0.74
N PRO A 99 14.86 16.50 -0.20
CA PRO A 99 15.17 16.85 -1.58
C PRO A 99 14.04 17.66 -2.20
N GLN A 100 14.40 18.56 -3.10
CA GLN A 100 13.38 19.35 -3.78
C GLN A 100 12.58 18.36 -4.62
N GLY A 101 11.28 18.34 -4.41
CA GLY A 101 10.42 17.45 -5.17
C GLY A 101 9.72 16.45 -4.26
N SER A 102 10.36 16.09 -3.15
CA SER A 102 9.80 15.13 -2.21
C SER A 102 8.61 15.75 -1.48
N ARG A 103 7.80 14.91 -0.85
CA ARG A 103 6.64 15.35 -0.07
C ARG A 103 6.88 14.79 1.31
N SER A 104 6.63 15.58 2.34
CA SER A 104 6.85 15.15 3.69
C SER A 104 5.64 14.57 4.40
N LEU A 105 5.89 13.62 5.29
CA LEU A 105 4.83 13.07 6.12
C LEU A 105 4.87 13.97 7.34
N THR A 106 3.84 13.91 8.18
CA THR A 106 3.83 14.72 9.39
C THR A 106 3.69 13.76 10.56
N PRO A 107 4.27 14.11 11.71
CA PRO A 107 4.21 13.29 12.91
C PRO A 107 2.79 12.97 13.33
N CYS A 108 2.62 11.79 13.92
CA CYS A 108 1.33 11.33 14.41
C CYS A 108 1.01 12.08 15.69
N THR A 109 -0.25 12.47 15.81
CA THR A 109 -0.70 13.20 16.97
C THR A 109 -1.96 12.58 17.59
N CYS A 110 -2.27 11.35 17.19
CA CYS A 110 -3.46 10.65 17.67
C CYS A 110 -3.13 9.50 18.63
N GLY A 111 -1.84 9.28 18.88
CA GLY A 111 -1.43 8.21 19.76
C GLY A 111 -1.96 6.81 19.50
N SER A 112 -2.23 6.47 18.24
CA SER A 112 -2.74 5.15 17.91
C SER A 112 -1.69 4.05 18.11
N SER A 113 -2.16 2.85 18.37
CA SER A 113 -1.27 1.72 18.56
C SER A 113 -1.37 0.76 17.40
N ASP A 114 -2.27 1.07 16.45
CA ASP A 114 -2.44 0.25 15.25
C ASP A 114 -1.54 0.93 14.22
N LEU A 115 -0.36 0.34 13.99
CA LEU A 115 0.60 0.91 13.04
C LEU A 115 0.71 0.13 11.72
N TYR A 116 1.26 0.78 10.70
CA TYR A 116 1.43 0.17 9.40
C TYR A 116 2.82 0.49 8.84
N LEU A 117 3.63 -0.54 8.68
CA LEU A 117 4.99 -0.39 8.15
C LEU A 117 5.01 -0.46 6.61
N VAL A 118 5.64 0.52 5.98
CA VAL A 118 5.75 0.54 4.52
C VAL A 118 7.14 -0.03 4.22
N THR A 119 7.15 -1.13 3.47
CA THR A 119 8.38 -1.82 3.08
C THR A 119 8.98 -1.27 1.78
N ARG A 120 10.24 -1.64 1.54
CA ARG A 120 11.00 -1.26 0.35
C ARG A 120 10.27 -1.66 -0.95
N HIS A 121 9.40 -2.65 -0.86
CA HIS A 121 8.65 -3.13 -2.02
C HIS A 121 7.28 -2.48 -2.11
N ALA A 122 7.07 -1.49 -1.26
CA ALA A 122 5.84 -0.74 -1.20
C ALA A 122 4.63 -1.54 -0.70
N ASP A 123 4.86 -2.46 0.22
CA ASP A 123 3.78 -3.22 0.80
C ASP A 123 3.57 -2.56 2.14
N VAL A 124 2.34 -2.47 2.62
CA VAL A 124 2.13 -1.91 3.94
C VAL A 124 1.63 -3.06 4.79
N ILE A 125 2.37 -3.37 5.84
CA ILE A 125 2.03 -4.45 6.76
C ILE A 125 1.65 -3.91 8.14
N PRO A 126 0.59 -4.46 8.75
CA PRO A 126 0.18 -4.00 10.08
C PRO A 126 1.06 -4.48 11.23
N VAL A 127 1.27 -3.60 12.21
CA VAL A 127 2.06 -3.95 13.39
C VAL A 127 1.33 -3.34 14.60
N ARG A 128 1.33 -4.07 15.71
CA ARG A 128 0.68 -3.57 16.91
C ARG A 128 1.74 -3.02 17.83
N ARG A 129 1.58 -1.74 18.19
CA ARG A 129 2.52 -1.09 19.09
C ARG A 129 2.48 -1.82 20.43
N ARG A 130 3.64 -2.29 20.86
CA ARG A 130 3.78 -3.02 22.12
C ARG A 130 4.85 -2.36 22.97
N GLY A 131 5.15 -1.10 22.69
CA GLY A 131 6.15 -0.40 23.46
C GLY A 131 6.51 0.87 22.75
N ASP A 132 7.35 1.70 23.33
CA ASP A 132 7.72 2.96 22.69
C ASP A 132 8.56 2.76 21.43
N SER A 133 9.30 1.67 21.37
CA SER A 133 10.14 1.38 20.22
C SER A 133 9.91 0.00 19.61
N ARG A 134 8.79 -0.64 19.95
CA ARG A 134 8.52 -1.98 19.43
C ARG A 134 7.07 -2.16 19.05
N GLY A 135 6.85 -3.08 18.12
CA GLY A 135 5.52 -3.40 17.64
C GLY A 135 5.58 -4.81 17.11
N SER A 136 4.47 -5.54 17.15
CA SER A 136 4.46 -6.90 16.65
C SER A 136 3.75 -7.06 15.31
N LEU A 137 4.33 -7.86 14.43
CA LEU A 137 3.74 -8.13 13.13
C LEU A 137 2.53 -9.01 13.37
N LEU A 138 1.38 -8.63 12.81
CA LEU A 138 0.17 -9.44 12.98
C LEU A 138 0.34 -10.69 12.13
N SER A 139 1.13 -10.56 11.08
CA SER A 139 1.42 -11.66 10.17
C SER A 139 2.93 -11.73 9.99
N PRO A 140 3.60 -12.56 10.80
CA PRO A 140 5.06 -12.72 10.72
C PRO A 140 5.52 -13.02 9.29
N ARG A 141 6.64 -12.47 8.91
CA ARG A 141 7.17 -12.68 7.58
C ARG A 141 8.67 -12.97 7.69
N PRO A 142 9.24 -13.63 6.68
CA PRO A 142 10.68 -13.91 6.77
C PRO A 142 11.43 -12.58 6.72
N ILE A 143 12.57 -12.50 7.39
CA ILE A 143 13.33 -11.26 7.42
C ILE A 143 13.74 -10.76 6.04
N SER A 144 13.88 -11.69 5.09
CA SER A 144 14.27 -11.35 3.72
C SER A 144 13.31 -10.34 3.11
N TYR A 145 12.04 -10.40 3.54
CA TYR A 145 11.01 -9.50 3.09
C TYR A 145 11.31 -8.10 3.63
N LEU A 146 11.68 -8.03 4.90
CA LEU A 146 12.00 -6.76 5.54
C LEU A 146 13.37 -6.21 5.13
N LYS A 147 14.15 -7.01 4.44
CA LYS A 147 15.47 -6.59 4.00
C LYS A 147 15.34 -5.37 3.08
N GLY A 148 16.04 -4.30 3.43
CA GLY A 148 15.99 -3.09 2.65
C GLY A 148 15.00 -2.06 3.17
N SER A 149 14.20 -2.41 4.16
CA SER A 149 13.20 -1.46 4.68
C SER A 149 13.65 -0.51 5.81
N SER A 150 14.88 -0.65 6.29
CA SER A 150 15.39 0.22 7.36
C SER A 150 15.30 1.67 6.94
N GLY A 151 14.75 2.50 7.82
CA GLY A 151 14.57 3.91 7.52
C GLY A 151 13.18 4.20 6.99
N GLY A 152 12.45 3.13 6.64
CA GLY A 152 11.09 3.25 6.14
C GLY A 152 10.14 3.72 7.23
N PRO A 153 8.95 4.22 6.86
CA PRO A 153 7.98 4.70 7.85
C PRO A 153 6.96 3.73 8.47
N LEU A 154 6.61 4.01 9.72
CA LEU A 154 5.57 3.26 10.44
C LEU A 154 4.50 4.31 10.59
N LEU A 155 3.36 4.09 9.94
CA LEU A 155 2.23 5.03 9.93
C LEU A 155 1.08 4.65 10.85
N CYS A 156 0.32 5.65 11.27
CA CYS A 156 -0.86 5.39 12.09
C CYS A 156 -1.96 5.27 11.05
N PRO A 157 -3.20 4.93 11.46
CA PRO A 157 -4.30 4.80 10.49
C PRO A 157 -4.56 6.04 9.65
N ALA A 158 -4.20 7.19 10.17
CA ALA A 158 -4.39 8.46 9.49
C ALA A 158 -3.28 8.76 8.47
N GLY A 159 -2.22 7.96 8.49
CA GLY A 159 -1.12 8.14 7.57
C GLY A 159 -0.02 9.07 8.05
N HIS A 160 0.03 9.30 9.36
CA HIS A 160 1.05 10.17 9.90
C HIS A 160 2.15 9.31 10.45
N ALA A 161 3.36 9.84 10.45
CA ALA A 161 4.53 9.12 10.91
C ALA A 161 4.60 8.88 12.44
N VAL A 162 4.77 7.61 12.79
CA VAL A 162 4.89 7.18 14.17
C VAL A 162 6.35 6.84 14.45
N GLY A 163 7.02 6.28 13.46
CA GLY A 163 8.42 5.92 13.63
C GLY A 163 9.06 5.53 12.32
N LEU A 164 10.33 5.16 12.41
CA LEU A 164 11.16 4.75 11.29
C LEU A 164 11.65 3.34 11.59
N PHE A 165 11.37 2.39 10.68
CA PHE A 165 11.79 1.00 10.86
C PHE A 165 13.30 0.91 11.09
N ARG A 166 13.70 0.26 12.18
CA ARG A 166 15.12 0.14 12.50
C ARG A 166 15.70 -1.27 12.37
N ALA A 167 15.08 -2.24 13.04
CA ALA A 167 15.57 -3.60 13.02
C ALA A 167 14.43 -4.58 13.21
N ALA A 168 14.63 -5.81 12.75
CA ALA A 168 13.62 -6.83 12.90
C ALA A 168 13.98 -7.64 14.13
N VAL A 169 12.95 -8.12 14.81
CA VAL A 169 13.12 -8.96 15.99
C VAL A 169 12.78 -10.33 15.42
N CYS A 170 13.82 -11.06 15.01
CA CYS A 170 13.65 -12.35 14.39
C CYS A 170 14.23 -13.56 15.12
N THR A 171 13.69 -14.73 14.76
CA THR A 171 14.10 -16.02 15.30
C THR A 171 13.84 -17.03 14.20
N ARG A 172 14.79 -17.92 13.95
CA ARG A 172 14.67 -18.95 12.92
C ARG A 172 14.48 -18.33 11.54
N GLY A 173 14.83 -17.05 11.41
CA GLY A 173 14.69 -16.37 10.14
C GLY A 173 13.36 -15.69 9.91
N VAL A 174 12.44 -15.76 10.88
CA VAL A 174 11.13 -15.12 10.72
C VAL A 174 11.03 -13.98 11.70
N ALA A 175 10.44 -12.89 11.24
CA ALA A 175 10.27 -11.71 12.05
C ALA A 175 8.86 -11.69 12.62
N LYS A 176 8.74 -11.54 13.93
CA LYS A 176 7.44 -11.50 14.56
C LYS A 176 7.21 -10.10 15.10
N ALA A 177 8.29 -9.34 15.23
CA ALA A 177 8.20 -7.98 15.74
C ALA A 177 9.23 -7.10 15.06
N VAL A 178 9.09 -5.80 15.26
CA VAL A 178 10.02 -4.84 14.67
C VAL A 178 10.43 -3.82 15.71
N ASP A 179 11.62 -3.29 15.52
CA ASP A 179 12.16 -2.28 16.40
C ASP A 179 12.17 -1.00 15.58
N PHE A 180 11.66 0.08 16.15
CA PHE A 180 11.64 1.33 15.42
C PHE A 180 12.06 2.53 16.26
N ILE A 181 12.42 3.61 15.57
CA ILE A 181 12.82 4.86 16.20
C ILE A 181 11.56 5.73 16.19
N PRO A 182 10.89 5.89 17.35
CA PRO A 182 9.68 6.72 17.36
C PRO A 182 9.96 8.14 16.91
N VAL A 183 8.97 8.78 16.30
CA VAL A 183 9.13 10.13 15.79
C VAL A 183 9.63 11.13 16.85
N GLU A 184 9.44 10.80 18.12
CA GLU A 184 9.90 11.65 19.21
C GLU A 184 11.42 11.82 19.20
N ASN A 185 12.13 10.74 18.91
CA ASN A 185 13.58 10.80 18.87
C ASN A 185 14.07 11.78 17.82
N LEU A 186 13.23 12.04 16.82
CA LEU A 186 13.54 12.97 15.74
C LEU A 186 13.62 14.38 16.32
N GLU A 187 12.58 14.79 17.01
CA GLU A 187 12.58 16.12 17.61
C GLU A 187 13.76 16.30 18.55
N THR A 188 14.07 15.27 19.31
CA THR A 188 15.19 15.30 20.25
C THR A 188 16.53 15.44 19.52
N THR A 189 16.65 14.77 18.38
CA THR A 189 17.88 14.83 17.57
C THR A 189 18.08 16.20 16.97
N MET A 190 16.98 16.86 16.61
CA MET A 190 17.03 18.20 16.03
C MET A 190 17.35 19.22 17.12
N ARG A 191 16.88 18.92 18.32
CA ARG A 191 17.07 19.76 19.48
C ARG A 191 18.47 19.62 20.04
N SER A 192 19.25 18.69 19.46
CA SER A 192 20.61 18.44 19.92
C SER A 192 21.64 18.54 18.77
N LYS B 2 34.74 8.74 1.08
CA LYS B 2 33.53 7.86 1.09
C LYS B 2 32.44 8.48 0.20
N GLY B 3 31.74 7.62 -0.53
CA GLY B 3 30.72 8.10 -1.43
C GLY B 3 29.43 8.67 -0.84
N SER B 4 28.66 9.31 -1.69
CA SER B 4 27.38 9.89 -1.32
C SER B 4 26.27 8.84 -1.36
N VAL B 5 25.24 9.07 -0.56
CA VAL B 5 24.07 8.22 -0.52
C VAL B 5 23.30 8.67 -1.77
N VAL B 6 22.87 7.72 -2.59
CA VAL B 6 22.16 8.02 -3.84
C VAL B 6 20.71 7.50 -3.83
N ILE B 7 19.78 8.32 -4.33
CA ILE B 7 18.37 7.95 -4.42
C ILE B 7 18.21 7.09 -5.68
N VAL B 8 17.86 5.81 -5.48
CA VAL B 8 17.68 4.89 -6.61
C VAL B 8 16.24 4.52 -6.90
N GLY B 9 15.31 5.13 -6.19
CA GLY B 9 13.91 4.84 -6.39
C GLY B 9 13.09 5.68 -5.44
N ARG B 10 11.78 5.47 -5.43
CA ARG B 10 10.90 6.21 -4.54
C ARG B 10 9.65 5.39 -4.26
N ILE B 11 9.03 5.64 -3.12
CA ILE B 11 7.80 4.95 -2.75
C ILE B 11 6.80 6.06 -2.52
N VAL B 12 5.67 5.99 -3.21
CA VAL B 12 4.65 7.02 -3.10
C VAL B 12 3.40 6.59 -2.34
N LEU B 13 3.13 7.33 -1.26
CA LEU B 13 2.00 7.10 -0.37
C LEU B 13 0.81 8.00 -0.65
N SER B 14 1.04 9.09 -1.39
CA SER B 14 -0.02 10.05 -1.68
C SER B 14 -0.93 9.69 -2.86
N GLY B 15 -0.66 8.58 -3.53
CA GLY B 15 -1.48 8.15 -4.64
C GLY B 15 -2.82 7.61 -4.16
N LYS B 16 -3.85 7.81 -4.96
CA LYS B 16 -5.19 7.35 -4.63
C LYS B 16 -5.66 6.44 -5.76
N PRO B 17 -6.65 5.57 -5.50
CA PRO B 17 -7.15 4.67 -6.54
C PRO B 17 -7.43 5.41 -7.83
N ALA B 18 -6.96 4.85 -8.93
CA ALA B 18 -7.16 5.46 -10.23
C ALA B 18 -7.43 4.39 -11.27
N ILE B 19 -8.19 4.77 -12.28
CA ILE B 19 -8.51 3.87 -13.38
C ILE B 19 -7.31 3.98 -14.30
N ILE B 20 -6.66 2.85 -14.58
CA ILE B 20 -5.49 2.88 -15.45
C ILE B 20 -5.93 3.34 -16.83
N PRO B 21 -5.38 4.48 -17.28
CA PRO B 21 -5.75 5.00 -18.60
C PRO B 21 -5.27 4.10 -19.72
N LYS B 22 -6.03 4.12 -20.80
CA LYS B 22 -5.74 3.33 -22.00
C LYS B 22 -4.94 4.23 -22.93
N LYS B 23 -4.11 3.61 -23.77
CA LYS B 23 -3.31 4.36 -24.72
C LYS B 23 -3.27 3.64 -26.08
N VAL C 40 1.94 -0.84 -15.59
CA VAL C 40 1.19 -0.75 -14.30
C VAL C 40 0.17 -1.86 -14.32
N GLU C 41 -0.05 -2.50 -13.18
CA GLU C 41 -1.01 -3.58 -13.06
C GLU C 41 -2.13 -3.20 -12.09
N GLY C 42 -3.34 -3.65 -12.38
CA GLY C 42 -4.48 -3.33 -11.53
C GLY C 42 -5.07 -4.48 -10.74
N GLU C 43 -5.50 -4.18 -9.51
CA GLU C 43 -6.09 -5.19 -8.63
C GLU C 43 -7.59 -5.35 -8.90
N VAL C 44 -8.21 -4.28 -9.40
CA VAL C 44 -9.64 -4.27 -9.66
C VAL C 44 -9.90 -4.15 -11.15
N GLN C 45 -10.70 -5.06 -11.69
CA GLN C 45 -11.03 -5.05 -13.11
C GLN C 45 -12.47 -4.56 -13.27
N ILE C 46 -12.68 -3.64 -14.20
CA ILE C 46 -14.01 -3.14 -14.48
C ILE C 46 -14.51 -4.09 -15.56
N VAL C 47 -15.50 -4.91 -15.24
CA VAL C 47 -16.01 -5.91 -16.16
C VAL C 47 -17.46 -5.71 -16.63
N SER C 48 -17.81 -6.35 -17.75
CA SER C 48 -19.15 -6.23 -18.32
C SER C 48 -19.64 -7.50 -18.98
N THR C 49 -20.96 -7.66 -18.98
CA THR C 49 -21.63 -8.77 -19.64
C THR C 49 -22.54 -8.00 -20.59
N ALA C 50 -23.37 -8.70 -21.35
CA ALA C 50 -24.28 -8.02 -22.27
C ALA C 50 -25.33 -7.25 -21.47
N THR C 51 -25.62 -7.76 -20.28
CA THR C 51 -26.62 -7.18 -19.42
C THR C 51 -26.12 -6.02 -18.57
N GLN C 52 -24.98 -6.21 -17.92
CA GLN C 52 -24.49 -5.20 -17.01
C GLN C 52 -22.98 -4.99 -16.93
N THR C 53 -22.60 -4.14 -15.99
CA THR C 53 -21.21 -3.81 -15.72
C THR C 53 -21.07 -3.81 -14.21
N PHE C 54 -19.96 -4.34 -13.75
CA PHE C 54 -19.67 -4.41 -12.34
C PHE C 54 -18.15 -4.51 -12.20
N LEU C 55 -17.68 -5.00 -11.06
CA LEU C 55 -16.25 -5.10 -10.83
C LEU C 55 -15.83 -6.50 -10.46
N ALA C 56 -14.53 -6.70 -10.48
CA ALA C 56 -13.92 -7.97 -10.10
C ALA C 56 -12.69 -7.52 -9.35
N THR C 57 -12.25 -8.31 -8.38
CA THR C 57 -11.10 -7.99 -7.57
C THR C 57 -10.19 -9.20 -7.53
N CYS C 58 -8.90 -8.99 -7.72
CA CYS C 58 -7.95 -10.08 -7.70
C CYS C 58 -7.39 -10.24 -6.32
N ILE C 59 -7.62 -11.39 -5.71
CA ILE C 59 -7.12 -11.69 -4.38
C ILE C 59 -6.58 -13.11 -4.38
N ASN C 60 -5.33 -13.26 -3.99
CA ASN C 60 -4.66 -14.56 -3.96
C ASN C 60 -4.60 -15.25 -5.32
N GLY C 61 -4.28 -14.48 -6.36
CA GLY C 61 -4.16 -15.04 -7.69
C GLY C 61 -5.44 -15.42 -8.39
N VAL C 62 -6.58 -15.08 -7.79
CA VAL C 62 -7.89 -15.38 -8.35
C VAL C 62 -8.60 -14.03 -8.58
N CYS C 63 -9.31 -13.93 -9.69
CA CYS C 63 -10.10 -12.74 -10.06
C CYS C 63 -11.54 -13.02 -9.58
N TRP C 64 -11.89 -12.48 -8.42
CA TRP C 64 -13.21 -12.69 -7.82
C TRP C 64 -14.26 -11.65 -8.19
N THR C 65 -15.52 -12.07 -8.24
CA THR C 65 -16.63 -11.19 -8.52
C THR C 65 -17.94 -11.80 -7.98
N VAL C 66 -19.04 -11.07 -8.15
CA VAL C 66 -20.36 -11.51 -7.68
C VAL C 66 -21.08 -12.42 -8.69
N TYR C 67 -21.55 -13.58 -8.20
CA TYR C 67 -22.28 -14.56 -9.01
C TYR C 67 -23.51 -13.95 -9.70
N HIS C 68 -24.13 -12.96 -9.05
CA HIS C 68 -25.31 -12.31 -9.63
C HIS C 68 -24.94 -11.37 -10.79
N GLY C 69 -23.65 -11.22 -11.04
CA GLY C 69 -23.22 -10.38 -12.13
C GLY C 69 -22.72 -11.27 -13.24
N ALA C 70 -21.79 -12.15 -12.90
CA ALA C 70 -21.17 -13.06 -13.87
C ALA C 70 -21.93 -14.36 -14.11
N GLY C 71 -22.49 -14.92 -13.04
CA GLY C 71 -23.20 -16.18 -13.17
C GLY C 71 -22.14 -17.26 -13.24
N THR C 72 -22.28 -18.15 -14.20
CA THR C 72 -21.31 -19.23 -14.41
C THR C 72 -20.59 -18.90 -15.72
N ARG C 73 -20.73 -17.65 -16.14
CA ARG C 73 -20.14 -17.16 -17.35
C ARG C 73 -18.64 -17.36 -17.34
N THR C 74 -18.07 -17.36 -18.53
CA THR C 74 -16.65 -17.55 -18.70
C THR C 74 -16.02 -16.15 -18.83
N ILE C 75 -14.71 -16.03 -18.65
CA ILE C 75 -14.06 -14.73 -18.77
C ILE C 75 -13.24 -14.66 -20.06
N ALA C 76 -13.27 -13.51 -20.73
CA ALA C 76 -12.55 -13.37 -22.00
C ALA C 76 -11.03 -13.33 -21.83
N SER C 77 -10.31 -13.78 -22.86
CA SER C 77 -8.84 -13.76 -22.88
C SER C 77 -8.37 -13.80 -24.35
N PRO C 78 -7.14 -13.32 -24.63
CA PRO C 78 -6.56 -13.32 -25.98
C PRO C 78 -6.50 -14.70 -26.61
N LYS C 79 -6.54 -15.72 -25.77
CA LYS C 79 -6.47 -17.10 -26.22
C LYS C 79 -7.84 -17.78 -26.08
N GLY C 80 -8.87 -16.97 -25.89
CA GLY C 80 -10.20 -17.52 -25.75
C GLY C 80 -10.72 -17.45 -24.34
N PRO C 81 -11.96 -17.86 -24.13
CA PRO C 81 -12.57 -17.84 -22.80
C PRO C 81 -11.95 -18.82 -21.83
N VAL C 82 -11.88 -18.43 -20.57
CA VAL C 82 -11.33 -19.28 -19.53
C VAL C 82 -12.45 -19.46 -18.51
N ILE C 83 -12.69 -20.70 -18.14
CA ILE C 83 -13.77 -21.00 -17.20
C ILE C 83 -13.44 -20.67 -15.75
N GLN C 84 -14.50 -20.52 -14.96
CA GLN C 84 -14.37 -20.21 -13.55
C GLN C 84 -13.63 -21.31 -12.83
N MET C 85 -12.79 -20.92 -11.88
CA MET C 85 -12.05 -21.83 -11.04
C MET C 85 -12.92 -22.17 -9.85
N TYR C 86 -13.73 -21.20 -9.43
CA TYR C 86 -14.62 -21.35 -8.29
C TYR C 86 -15.96 -20.71 -8.59
N THR C 87 -17.03 -21.40 -8.22
CA THR C 87 -18.40 -20.90 -8.41
C THR C 87 -19.06 -21.25 -7.08
N ASN C 88 -19.73 -20.27 -6.49
CA ASN C 88 -20.39 -20.46 -5.20
C ASN C 88 -21.61 -19.58 -5.17
N VAL C 89 -22.71 -20.11 -5.70
CA VAL C 89 -23.97 -19.40 -5.77
C VAL C 89 -24.44 -19.03 -4.38
N ASP C 90 -24.15 -19.90 -3.44
CA ASP C 90 -24.53 -19.72 -2.05
C ASP C 90 -23.99 -18.42 -1.49
N GLN C 91 -22.71 -18.18 -1.71
CA GLN C 91 -22.07 -16.98 -1.21
C GLN C 91 -22.03 -15.85 -2.24
N ASP C 92 -22.68 -16.06 -3.39
CA ASP C 92 -22.72 -15.07 -4.47
C ASP C 92 -21.30 -14.76 -4.91
N LEU C 93 -20.48 -15.82 -4.97
CA LEU C 93 -19.08 -15.71 -5.29
C LEU C 93 -18.63 -16.61 -6.44
N VAL C 94 -17.81 -16.08 -7.34
CA VAL C 94 -17.23 -16.82 -8.46
C VAL C 94 -15.82 -16.28 -8.64
N GLY C 95 -14.90 -17.11 -9.13
CA GLY C 95 -13.55 -16.67 -9.33
C GLY C 95 -12.94 -17.35 -10.53
N TRP C 96 -12.13 -16.61 -11.28
CA TRP C 96 -11.44 -17.14 -12.45
C TRP C 96 -9.96 -16.92 -12.19
N PRO C 97 -9.09 -17.50 -13.03
CA PRO C 97 -7.66 -17.27 -12.81
C PRO C 97 -7.43 -15.79 -13.12
N ALA C 98 -6.60 -15.12 -12.32
CA ALA C 98 -6.32 -13.71 -12.51
C ALA C 98 -5.86 -13.43 -13.95
N PRO C 99 -6.49 -12.44 -14.61
CA PRO C 99 -6.18 -12.04 -16.00
C PRO C 99 -4.87 -11.27 -16.14
N GLN C 100 -4.49 -10.98 -17.37
CA GLN C 100 -3.26 -10.23 -17.64
C GLN C 100 -3.50 -8.77 -17.27
N GLY C 101 -2.44 -8.10 -16.82
CA GLY C 101 -2.55 -6.70 -16.44
C GLY C 101 -3.10 -6.51 -15.04
N SER C 102 -3.12 -7.58 -14.24
CA SER C 102 -3.64 -7.51 -12.90
C SER C 102 -2.60 -7.90 -11.87
N ARG C 103 -2.86 -7.52 -10.62
CA ARG C 103 -1.99 -7.85 -9.50
C ARG C 103 -2.95 -8.16 -8.36
N SER C 104 -2.54 -9.06 -7.49
CA SER C 104 -3.37 -9.46 -6.36
C SER C 104 -3.28 -8.62 -5.10
N LEU C 105 -4.43 -8.56 -4.43
CA LEU C 105 -4.62 -7.83 -3.19
C LEU C 105 -4.37 -8.81 -2.05
N THR C 106 -3.85 -8.29 -0.95
CA THR C 106 -3.55 -9.11 0.22
C THR C 106 -4.72 -9.07 1.20
N PRO C 107 -5.11 -10.23 1.73
CA PRO C 107 -6.22 -10.27 2.68
C PRO C 107 -5.88 -9.52 3.98
N CYS C 108 -6.90 -9.03 4.66
CA CYS C 108 -6.68 -8.31 5.89
C CYS C 108 -6.34 -9.28 7.02
N THR C 109 -5.46 -8.83 7.92
CA THR C 109 -5.04 -9.62 9.07
C THR C 109 -4.98 -8.76 10.33
N CYS C 110 -5.53 -7.55 10.26
CA CYS C 110 -5.50 -6.61 11.38
C CYS C 110 -6.86 -6.41 12.02
N GLY C 111 -7.89 -7.04 11.46
CA GLY C 111 -9.23 -6.92 12.00
C GLY C 111 -9.81 -5.53 12.18
N SER C 112 -9.35 -4.55 11.42
CA SER C 112 -9.90 -3.20 11.57
C SER C 112 -11.37 -3.16 11.13
N SER C 113 -12.10 -2.19 11.67
CA SER C 113 -13.52 -2.01 11.36
C SER C 113 -13.72 -0.78 10.51
N ASP C 114 -12.63 -0.07 10.26
CA ASP C 114 -12.71 1.13 9.44
C ASP C 114 -12.33 0.68 8.04
N LEU C 115 -13.37 0.37 7.27
CA LEU C 115 -13.27 -0.11 5.91
C LEU C 115 -13.39 0.99 4.88
N TYR C 116 -13.02 0.69 3.65
CA TYR C 116 -13.08 1.64 2.55
C TYR C 116 -13.47 0.92 1.27
N LEU C 117 -14.63 1.27 0.74
CA LEU C 117 -15.16 0.66 -0.47
C LEU C 117 -14.66 1.46 -1.68
N VAL C 118 -14.13 0.75 -2.68
CA VAL C 118 -13.65 1.42 -3.89
C VAL C 118 -14.68 1.17 -4.99
N THR C 119 -15.18 2.24 -5.59
CA THR C 119 -16.19 2.14 -6.63
C THR C 119 -15.60 2.00 -8.02
N ARG C 120 -16.46 1.72 -9.00
CA ARG C 120 -16.03 1.57 -10.39
C ARG C 120 -15.50 2.88 -10.96
N HIS C 121 -15.64 3.97 -10.22
CA HIS C 121 -15.15 5.27 -10.66
C HIS C 121 -13.90 5.63 -9.88
N ALA C 122 -13.41 4.66 -9.12
CA ALA C 122 -12.23 4.81 -8.29
C ALA C 122 -12.46 5.68 -7.06
N ASP C 123 -13.72 5.87 -6.71
CA ASP C 123 -14.08 6.67 -5.55
C ASP C 123 -13.89 5.78 -4.33
N VAL C 124 -13.37 6.35 -3.26
CA VAL C 124 -13.17 5.58 -2.03
C VAL C 124 -14.26 6.06 -1.06
N ILE C 125 -14.99 5.11 -0.48
CA ILE C 125 -16.08 5.40 0.42
C ILE C 125 -15.82 4.75 1.79
N PRO C 126 -15.67 5.55 2.85
CA PRO C 126 -15.42 5.03 4.21
C PRO C 126 -16.65 4.31 4.74
N VAL C 127 -16.44 3.08 5.17
CA VAL C 127 -17.51 2.23 5.68
C VAL C 127 -17.11 1.70 7.06
N ARG C 128 -18.04 1.78 8.01
CA ARG C 128 -17.80 1.31 9.36
C ARG C 128 -18.36 -0.11 9.38
N ARG C 129 -17.50 -1.08 9.68
CA ARG C 129 -17.94 -2.45 9.70
C ARG C 129 -18.92 -2.67 10.85
N ARG C 130 -20.06 -3.26 10.53
CA ARG C 130 -21.10 -3.54 11.51
C ARG C 130 -21.24 -5.02 11.83
N GLY C 131 -20.82 -5.87 10.89
CA GLY C 131 -20.92 -7.30 11.12
C GLY C 131 -20.07 -8.10 10.16
N ASP C 132 -20.00 -9.40 10.40
CA ASP C 132 -19.22 -10.33 9.59
C ASP C 132 -19.31 -10.01 8.09
N SER C 133 -20.47 -9.55 7.65
CA SER C 133 -20.62 -9.23 6.25
C SER C 133 -21.47 -7.98 6.04
N ARG C 134 -21.35 -7.02 6.96
CA ARG C 134 -22.16 -5.80 6.84
C ARG C 134 -21.37 -4.60 7.33
N GLY C 135 -21.60 -3.45 6.71
CA GLY C 135 -20.93 -2.23 7.09
C GLY C 135 -21.79 -1.02 6.72
N SER C 136 -21.69 0.06 7.49
CA SER C 136 -22.47 1.26 7.24
C SER C 136 -21.65 2.39 6.64
N LEU C 137 -22.16 3.03 5.60
CA LEU C 137 -21.43 4.14 4.99
C LEU C 137 -21.36 5.22 6.05
N LEU C 138 -20.19 5.84 6.22
CA LEU C 138 -20.06 6.91 7.19
C LEU C 138 -20.85 8.11 6.70
N SER C 139 -21.00 8.22 5.38
CA SER C 139 -21.77 9.28 4.76
C SER C 139 -22.57 8.65 3.64
N PRO C 140 -23.87 8.45 3.87
CA PRO C 140 -24.79 7.85 2.89
C PRO C 140 -24.70 8.51 1.51
N ARG C 141 -24.94 7.71 0.48
CA ARG C 141 -24.85 8.17 -0.91
C ARG C 141 -26.03 7.63 -1.68
N PRO C 142 -26.48 8.35 -2.73
CA PRO C 142 -27.61 7.83 -3.50
C PRO C 142 -27.16 6.52 -4.13
N ILE C 143 -28.10 5.62 -4.39
CA ILE C 143 -27.76 4.32 -4.95
C ILE C 143 -26.91 4.45 -6.22
N SER C 144 -27.22 5.43 -7.04
CA SER C 144 -26.49 5.64 -8.29
C SER C 144 -24.98 5.65 -8.08
N TYR C 145 -24.53 6.33 -7.04
CA TYR C 145 -23.11 6.43 -6.72
C TYR C 145 -22.41 5.09 -6.55
N LEU C 146 -23.15 4.09 -6.07
CA LEU C 146 -22.60 2.76 -5.84
C LEU C 146 -22.92 1.76 -6.95
N LYS C 147 -23.69 2.17 -7.94
CA LYS C 147 -24.05 1.26 -9.03
C LYS C 147 -22.88 0.86 -9.92
N GLY C 148 -22.82 -0.43 -10.22
CA GLY C 148 -21.76 -0.97 -11.06
C GLY C 148 -20.49 -1.26 -10.29
N SER C 149 -20.56 -1.24 -8.96
CA SER C 149 -19.38 -1.46 -8.14
C SER C 149 -19.35 -2.79 -7.40
N SER C 150 -20.39 -3.58 -7.54
CA SER C 150 -20.41 -4.88 -6.87
C SER C 150 -19.27 -5.70 -7.44
N GLY C 151 -18.57 -6.42 -6.57
CA GLY C 151 -17.43 -7.21 -6.99
C GLY C 151 -16.17 -6.49 -6.56
N GLY C 152 -16.30 -5.18 -6.33
CA GLY C 152 -15.20 -4.34 -5.88
C GLY C 152 -14.70 -4.68 -4.49
N PRO C 153 -13.55 -4.12 -4.09
CA PRO C 153 -13.06 -4.46 -2.76
C PRO C 153 -13.41 -3.51 -1.63
N LEU C 154 -13.40 -4.05 -0.43
CA LEU C 154 -13.61 -3.28 0.76
C LEU C 154 -12.25 -3.46 1.43
N LEU C 155 -11.50 -2.36 1.53
CA LEU C 155 -10.15 -2.30 2.08
C LEU C 155 -10.11 -1.85 3.54
N CYS C 156 -9.06 -2.24 4.25
CA CYS C 156 -8.86 -1.86 5.63
C CYS C 156 -7.86 -0.67 5.56
N PRO C 157 -7.47 -0.08 6.72
CA PRO C 157 -6.53 1.05 6.71
C PRO C 157 -5.17 0.76 6.03
N ALA C 158 -4.88 -0.51 5.80
CA ALA C 158 -3.64 -0.93 5.16
C ALA C 158 -3.82 -1.24 3.67
N GLY C 159 -5.03 -1.03 3.15
CA GLY C 159 -5.30 -1.31 1.76
C GLY C 159 -5.46 -2.79 1.46
N HIS C 160 -5.58 -3.61 2.50
CA HIS C 160 -5.76 -5.06 2.36
C HIS C 160 -7.24 -5.41 2.24
N ALA C 161 -7.53 -6.48 1.50
CA ALA C 161 -8.90 -6.93 1.26
C ALA C 161 -9.59 -7.43 2.51
N VAL C 162 -10.74 -6.84 2.82
CA VAL C 162 -11.55 -7.24 3.97
C VAL C 162 -12.73 -8.05 3.46
N GLY C 163 -13.25 -7.67 2.31
CA GLY C 163 -14.37 -8.38 1.73
C GLY C 163 -14.64 -7.87 0.32
N LEU C 164 -15.62 -8.47 -0.33
CA LEU C 164 -16.01 -8.11 -1.69
C LEU C 164 -17.39 -7.47 -1.60
N PHE C 165 -17.53 -6.26 -2.13
CA PHE C 165 -18.82 -5.57 -2.13
C PHE C 165 -19.86 -6.46 -2.80
N ARG C 166 -20.83 -6.94 -2.02
CA ARG C 166 -21.86 -7.82 -2.57
C ARG C 166 -23.11 -7.06 -3.05
N ALA C 167 -23.61 -6.13 -2.23
CA ALA C 167 -24.80 -5.34 -2.58
C ALA C 167 -25.01 -4.14 -1.64
N ALA C 168 -25.59 -3.08 -2.18
CA ALA C 168 -25.86 -1.88 -1.40
C ALA C 168 -27.18 -2.05 -0.64
N VAL C 169 -27.19 -1.69 0.63
CA VAL C 169 -28.40 -1.78 1.45
C VAL C 169 -28.97 -0.36 1.53
N CYS C 170 -30.00 -0.09 0.76
CA CYS C 170 -30.56 1.26 0.71
C CYS C 170 -32.01 1.51 1.12
N THR C 171 -32.24 2.73 1.60
CA THR C 171 -33.54 3.17 2.03
C THR C 171 -33.99 4.31 1.14
N ARG C 172 -34.98 4.04 0.30
CA ARG C 172 -35.53 5.05 -0.59
C ARG C 172 -34.50 5.69 -1.51
N GLY C 173 -33.67 4.86 -2.13
CA GLY C 173 -32.66 5.37 -3.05
C GLY C 173 -31.39 5.93 -2.41
N VAL C 174 -31.23 5.71 -1.12
CA VAL C 174 -30.06 6.17 -0.41
C VAL C 174 -29.35 5.00 0.25
N ALA C 175 -28.12 4.74 -0.19
CA ALA C 175 -27.31 3.67 0.36
C ALA C 175 -26.69 4.19 1.65
N LYS C 176 -26.99 3.50 2.74
CA LYS C 176 -26.47 3.90 4.04
C LYS C 176 -25.61 2.76 4.58
N ALA C 177 -25.67 1.61 3.91
CA ALA C 177 -24.92 0.45 4.32
C ALA C 177 -24.65 -0.44 3.12
N VAL C 178 -23.80 -1.45 3.31
CA VAL C 178 -23.48 -2.39 2.25
C VAL C 178 -23.29 -3.81 2.78
N ASP C 179 -23.56 -4.76 1.89
CA ASP C 179 -23.41 -6.17 2.18
C ASP C 179 -22.11 -6.57 1.48
N PHE C 180 -21.31 -7.44 2.09
CA PHE C 180 -20.06 -7.87 1.49
C PHE C 180 -19.69 -9.32 1.81
N ILE C 181 -18.83 -9.90 0.99
CA ILE C 181 -18.37 -11.27 1.15
C ILE C 181 -17.01 -11.20 1.85
N PRO C 182 -16.93 -11.63 3.11
CA PRO C 182 -15.61 -11.56 3.75
C PRO C 182 -14.53 -12.38 3.06
N VAL C 183 -13.28 -11.93 3.16
CA VAL C 183 -12.17 -12.65 2.53
C VAL C 183 -12.11 -14.08 2.97
N GLU C 184 -12.48 -14.34 4.22
CA GLU C 184 -12.46 -15.69 4.75
C GLU C 184 -13.18 -16.64 3.80
N ASN C 185 -14.33 -16.23 3.29
CA ASN C 185 -15.09 -17.06 2.36
C ASN C 185 -14.26 -17.38 1.14
N LEU C 186 -13.55 -16.38 0.62
CA LEU C 186 -12.73 -16.57 -0.55
C LEU C 186 -11.60 -17.54 -0.22
N GLU C 187 -10.90 -17.25 0.88
CA GLU C 187 -9.79 -18.09 1.32
C GLU C 187 -10.28 -19.50 1.59
N THR C 188 -11.52 -19.61 2.05
CA THR C 188 -12.13 -20.89 2.36
C THR C 188 -12.52 -21.66 1.09
N THR C 189 -13.11 -20.93 0.13
CA THR C 189 -13.56 -21.52 -1.14
C THR C 189 -12.41 -22.09 -1.97
N MET C 190 -11.24 -21.49 -1.84
CA MET C 190 -10.04 -21.92 -2.56
C MET C 190 -9.54 -23.29 -2.12
N GLY D 3 -22.42 -16.50 -23.38
CA GLY D 3 -21.86 -15.13 -23.15
C GLY D 3 -20.57 -15.20 -22.35
N SER D 4 -19.78 -14.13 -22.37
CA SER D 4 -18.51 -14.09 -21.66
C SER D 4 -18.35 -12.74 -20.97
N VAL D 5 -17.66 -12.74 -19.84
CA VAL D 5 -17.40 -11.52 -19.10
C VAL D 5 -16.14 -10.94 -19.70
N VAL D 6 -16.17 -9.66 -20.06
CA VAL D 6 -14.99 -9.03 -20.63
C VAL D 6 -14.52 -7.88 -19.73
N ILE D 7 -13.21 -7.67 -19.72
CA ILE D 7 -12.59 -6.62 -18.94
C ILE D 7 -12.62 -5.37 -19.77
N VAL D 8 -13.28 -4.34 -19.26
CA VAL D 8 -13.40 -3.07 -19.96
C VAL D 8 -12.51 -1.97 -19.39
N GLY D 9 -11.83 -2.26 -18.29
CA GLY D 9 -10.97 -1.26 -17.68
C GLY D 9 -10.28 -1.83 -16.46
N ARG D 10 -9.41 -1.05 -15.82
CA ARG D 10 -8.69 -1.48 -14.64
C ARG D 10 -8.47 -0.31 -13.69
N ILE D 11 -8.40 -0.63 -12.41
CA ILE D 11 -8.15 0.36 -11.36
C ILE D 11 -6.92 -0.09 -10.59
N VAL D 12 -5.99 0.84 -10.36
CA VAL D 12 -4.78 0.56 -9.60
C VAL D 12 -4.99 1.29 -8.28
N LEU D 13 -5.13 0.55 -7.20
CA LEU D 13 -5.38 1.15 -5.90
C LEU D 13 -4.38 2.17 -5.38
N SER D 14 -3.11 2.01 -5.73
CA SER D 14 -2.09 2.94 -5.27
C SER D 14 -2.04 4.21 -6.12
N GLY D 15 -2.69 4.17 -7.28
CA GLY D 15 -2.69 5.32 -8.16
C GLY D 15 -1.42 5.45 -8.96
N LYS D 16 -0.68 4.34 -9.06
CA LYS D 16 0.58 4.30 -9.80
C LYS D 16 0.45 4.71 -11.26
N PRO D 17 1.18 5.77 -11.65
CA PRO D 17 1.13 6.25 -13.03
C PRO D 17 2.07 5.44 -13.90
N ALA D 18 3.34 5.39 -13.48
CA ALA D 18 4.44 4.68 -14.15
C ALA D 18 4.47 4.84 -15.70
#